data_3MD0
#
_entry.id   3MD0
#
_cell.length_a   65.530
_cell.length_b   187.360
_cell.length_c   66.200
_cell.angle_alpha   90.00
_cell.angle_beta   90.00
_cell.angle_gamma   90.00
#
_symmetry.space_group_name_H-M   'C 2 2 21'
#
loop_
_entity.id
_entity.type
_entity.pdbx_description
1 polymer 'Arginine/ornithine transport system ATPase'
2 non-polymer "GUANOSINE-5'-DIPHOSPHATE"
3 non-polymer 'UNKNOWN ATOM OR ION'
4 water water
#
_entity_poly.entity_id   1
_entity_poly.type   'polypeptide(L)'
_entity_poly.pdbx_seq_one_letter_code
;MAHHHHHHMGTLEAQTQGPGSMMAASHDDDTVDGLATAVRGGDRAALPRAITLVESTRPDHREQAQQLLLRLLPDSGNAH
RVGITGVPGVGKSTAIEALGMHLIERGHRVAVLAVDPSSTRTGGSILGDKTRMARLAVHPNAYIRPSPTSGTLGGVTRAT
RETVVLLEAAGFDVILIETVGVGQSEVAVANMVDTFVLLTLARTGDQLQGIKKGVLELADIVVVNKADGEHHKEARLAAR
ELSAAIRLIYPREALWRPPVLTMSAVEGRGLAELWDTVERHRQVLTGAGEFDARRRDQQVDWTWQLVRDAVLDRVWSNPT
VRKVRSELERRVRAGELTPALAAQQILEIANLTDR
;
_entity_poly.pdbx_strand_id   A
#
loop_
_chem_comp.id
_chem_comp.type
_chem_comp.name
_chem_comp.formula
GDP RNA linking GUANOSINE-5'-DIPHOSPHATE 'C10 H15 N5 O11 P2'
UNX non-polymer 'UNKNOWN ATOM OR ION' ?
#
# COMPACT_ATOMS: atom_id res chain seq x y z
N THR A 31 -18.96 -19.89 -15.09
CA THR A 31 -17.64 -20.39 -14.60
C THR A 31 -17.00 -19.34 -13.66
N VAL A 32 -17.81 -18.40 -13.21
CA VAL A 32 -17.37 -17.47 -12.16
C VAL A 32 -17.56 -18.15 -10.80
N ASP A 33 -18.65 -18.91 -10.68
CA ASP A 33 -18.85 -19.78 -9.51
C ASP A 33 -17.75 -20.86 -9.48
N GLY A 34 -17.39 -21.36 -10.67
CA GLY A 34 -16.28 -22.29 -10.87
C GLY A 34 -14.91 -21.66 -10.64
N LEU A 35 -14.72 -20.44 -11.11
CA LEU A 35 -13.47 -19.74 -10.88
C LEU A 35 -13.23 -19.44 -9.37
N ALA A 36 -14.31 -19.27 -8.59
CA ALA A 36 -14.20 -19.08 -7.15
C ALA A 36 -13.86 -20.34 -6.33
N THR A 37 -14.37 -21.51 -6.72
CA THR A 37 -14.00 -22.73 -5.97
C THR A 37 -12.57 -23.19 -6.30
N ALA A 38 -12.09 -22.87 -7.50
CA ALA A 38 -10.72 -23.17 -7.93
C ALA A 38 -9.67 -22.33 -7.21
N VAL A 39 -9.95 -21.04 -7.00
CA VAL A 39 -9.06 -20.16 -6.24
C VAL A 39 -9.03 -20.57 -4.76
N ARG A 40 -10.21 -20.86 -4.20
CA ARG A 40 -10.38 -21.19 -2.78
C ARG A 40 -9.84 -22.60 -2.49
N GLY A 41 -9.86 -23.46 -3.51
CA GLY A 41 -9.33 -24.81 -3.42
C GLY A 41 -7.83 -24.88 -3.64
N GLY A 42 -7.25 -23.79 -4.14
CA GLY A 42 -5.80 -23.69 -4.28
C GLY A 42 -5.23 -24.00 -5.66
N ASP A 43 -6.08 -24.01 -6.69
CA ASP A 43 -5.62 -24.15 -8.08
C ASP A 43 -4.79 -22.92 -8.42
N ARG A 44 -3.59 -23.14 -8.97
CA ARG A 44 -2.60 -22.05 -9.05
C ARG A 44 -2.39 -21.49 -10.48
N ALA A 45 -3.14 -22.00 -11.44
CA ALA A 45 -3.23 -21.40 -12.77
C ALA A 45 -4.49 -20.52 -12.85
N ALA A 46 -5.41 -20.78 -11.93
CA ALA A 46 -6.64 -20.00 -11.80
C ALA A 46 -6.43 -18.63 -11.13
N LEU A 47 -5.43 -18.51 -10.25
CA LEU A 47 -5.15 -17.23 -9.58
C LEU A 47 -4.71 -16.11 -10.55
N PRO A 48 -3.66 -16.35 -11.38
CA PRO A 48 -3.26 -15.40 -12.44
C PRO A 48 -4.42 -14.93 -13.31
N ARG A 49 -5.34 -15.85 -13.61
CA ARG A 49 -6.49 -15.57 -14.48
C ARG A 49 -7.53 -14.69 -13.79
N ALA A 50 -7.74 -14.96 -12.51
CA ALA A 50 -8.67 -14.17 -11.71
C ALA A 50 -8.05 -12.80 -11.48
N ILE A 51 -6.72 -12.78 -11.37
CA ILE A 51 -5.98 -11.52 -11.22
C ILE A 51 -6.09 -10.69 -12.50
N THR A 52 -5.95 -11.36 -13.64
CA THR A 52 -6.12 -10.75 -14.98
C THR A 52 -7.54 -10.19 -15.17
N LEU A 53 -8.54 -10.96 -14.75
CA LEU A 53 -9.94 -10.53 -14.71
C LEU A 53 -10.22 -9.29 -13.82
N VAL A 54 -9.54 -9.24 -12.68
CA VAL A 54 -9.66 -8.15 -11.72
C VAL A 54 -8.92 -6.88 -12.19
N GLU A 55 -7.84 -7.08 -12.95
CA GLU A 55 -7.05 -5.96 -13.48
C GLU A 55 -7.64 -5.38 -14.78
N SER A 56 -8.57 -6.10 -15.40
CA SER A 56 -9.24 -5.63 -16.62
C SER A 56 -10.25 -4.53 -16.26
N THR A 57 -10.40 -3.57 -17.18
CA THR A 57 -11.34 -2.47 -16.95
C THR A 57 -12.41 -2.42 -18.03
N ARG A 58 -12.27 -3.25 -19.05
CA ARG A 58 -13.32 -3.47 -20.01
C ARG A 58 -14.60 -3.71 -19.19
N PRO A 59 -15.70 -3.02 -19.56
CA PRO A 59 -16.94 -2.98 -18.75
C PRO A 59 -17.52 -4.36 -18.42
N ASP A 60 -17.47 -5.29 -19.37
CA ASP A 60 -17.97 -6.66 -19.15
C ASP A 60 -17.15 -7.41 -18.09
N HIS A 61 -15.87 -7.05 -17.94
CA HIS A 61 -14.99 -7.72 -16.98
C HIS A 61 -15.13 -7.23 -15.54
N ARG A 62 -15.25 -5.91 -15.33
CA ARG A 62 -15.40 -5.35 -13.98
C ARG A 62 -16.55 -6.01 -13.23
N GLU A 63 -17.65 -6.20 -13.94
CA GLU A 63 -18.89 -6.77 -13.44
C GLU A 63 -18.80 -8.24 -12.99
N GLN A 64 -18.08 -9.07 -13.74
CA GLN A 64 -17.84 -10.44 -13.28
C GLN A 64 -16.73 -10.48 -12.23
N ALA A 65 -15.76 -9.57 -12.35
CA ALA A 65 -14.74 -9.40 -11.34
C ALA A 65 -15.41 -9.12 -10.01
N GLN A 66 -16.40 -8.24 -10.01
CA GLN A 66 -17.16 -7.94 -8.82
C GLN A 66 -17.86 -9.16 -8.23
N GLN A 67 -18.45 -10.00 -9.08
CA GLN A 67 -19.22 -11.15 -8.62
C GLN A 67 -18.31 -12.20 -8.00
N LEU A 68 -17.12 -12.34 -8.57
CA LEU A 68 -16.07 -13.23 -8.08
C LEU A 68 -15.56 -12.79 -6.71
N LEU A 69 -15.25 -11.50 -6.57
CA LEU A 69 -14.80 -10.93 -5.32
C LEU A 69 -15.83 -11.20 -4.26
N LEU A 70 -17.09 -10.92 -4.60
CA LEU A 70 -18.20 -11.18 -3.71
C LEU A 70 -18.21 -12.64 -3.23
N ARG A 71 -17.87 -13.56 -4.11
CA ARG A 71 -17.87 -14.98 -3.74
C ARG A 71 -16.66 -15.31 -2.89
N LEU A 72 -15.52 -14.67 -3.18
CA LEU A 72 -14.26 -14.97 -2.47
C LEU A 72 -14.05 -14.18 -1.19
N LEU A 73 -14.77 -13.09 -1.05
CA LEU A 73 -14.66 -12.21 0.10
C LEU A 73 -14.76 -12.92 1.46
N PRO A 74 -15.68 -13.90 1.63
CA PRO A 74 -15.70 -14.50 2.96
C PRO A 74 -14.49 -15.40 3.26
N ASP A 75 -13.75 -15.79 2.21
CA ASP A 75 -12.49 -16.53 2.35
C ASP A 75 -11.24 -15.62 2.46
N SER A 76 -11.44 -14.30 2.48
CA SER A 76 -10.34 -13.36 2.62
C SER A 76 -10.17 -12.97 4.10
N GLY A 77 -9.20 -12.11 4.40
CA GLY A 77 -9.07 -11.50 5.73
C GLY A 77 -8.12 -12.19 6.69
N ASN A 78 -7.64 -13.37 6.30
CA ASN A 78 -6.81 -14.21 7.18
C ASN A 78 -5.35 -14.12 6.90
N ALA A 79 -4.85 -12.90 6.88
CA ALA A 79 -3.51 -12.60 6.47
C ALA A 79 -3.12 -11.33 7.18
N HIS A 80 -1.82 -11.10 7.26
CA HIS A 80 -1.33 -9.83 7.73
C HIS A 80 -0.85 -9.05 6.49
N ARG A 81 -1.44 -7.89 6.26
CA ARG A 81 -1.05 -7.00 5.16
C ARG A 81 -0.11 -5.95 5.64
N VAL A 82 1.07 -5.93 5.03
CA VAL A 82 2.15 -5.02 5.43
C VAL A 82 2.56 -4.16 4.22
N GLY A 83 2.56 -2.86 4.43
CA GLY A 83 3.05 -1.94 3.41
C GLY A 83 4.50 -1.60 3.71
N ILE A 84 5.24 -1.27 2.66
CA ILE A 84 6.64 -1.04 2.79
C ILE A 84 6.94 0.10 1.82
N THR A 85 7.55 1.15 2.37
CA THR A 85 7.96 2.24 1.56
C THR A 85 9.35 2.82 1.96
N GLY A 86 9.80 3.80 1.17
CA GLY A 86 11.09 4.47 1.32
C GLY A 86 11.67 4.80 -0.03
N VAL A 87 12.70 5.65 -0.06
CA VAL A 87 13.24 6.20 -1.32
C VAL A 87 13.91 5.14 -2.21
N PRO A 88 13.93 5.38 -3.54
CA PRO A 88 14.66 4.45 -4.41
C PRO A 88 16.08 4.24 -3.89
N GLY A 89 16.52 2.98 -3.88
CA GLY A 89 17.82 2.63 -3.36
C GLY A 89 17.96 2.52 -1.85
N VAL A 90 16.93 2.88 -1.06
CA VAL A 90 17.02 2.67 0.41
C VAL A 90 17.21 1.18 0.79
N GLY A 91 16.85 0.27 -0.12
CA GLY A 91 16.97 -1.20 0.09
C GLY A 91 15.66 -1.99 0.19
N LYS A 92 14.57 -1.45 -0.37
CA LYS A 92 13.24 -2.03 -0.20
C LYS A 92 13.18 -3.45 -0.73
N SER A 93 13.62 -3.62 -1.97
CA SER A 93 13.42 -4.91 -2.60
C SER A 93 14.41 -5.94 -2.08
N THR A 94 15.56 -5.52 -1.59
CA THR A 94 16.45 -6.41 -0.85
C THR A 94 15.82 -6.84 0.50
N ALA A 95 15.15 -5.91 1.19
CA ALA A 95 14.56 -6.29 2.47
C ALA A 95 13.38 -7.24 2.28
N ILE A 96 12.57 -6.99 1.25
CA ILE A 96 11.40 -7.80 0.95
C ILE A 96 11.77 -9.25 0.57
N GLU A 97 12.77 -9.39 -0.29
CA GLU A 97 13.27 -10.70 -0.63
C GLU A 97 13.69 -11.48 0.61
N ALA A 98 14.46 -10.83 1.49
CA ALA A 98 14.93 -11.47 2.69
C ALA A 98 13.77 -11.72 3.69
N LEU A 99 12.89 -10.75 3.87
CA LEU A 99 11.77 -10.94 4.77
C LEU A 99 10.89 -12.06 4.23
N GLY A 100 10.63 -12.02 2.93
CA GLY A 100 10.00 -13.13 2.23
C GLY A 100 10.61 -14.48 2.54
N MET A 101 11.94 -14.60 2.52
CA MET A 101 12.57 -15.93 2.79
C MET A 101 12.39 -16.34 4.25
N HIS A 102 12.60 -15.38 5.13
CA HIS A 102 12.39 -15.54 6.56
C HIS A 102 10.98 -16.11 6.81
N LEU A 103 9.97 -15.53 6.14
CA LEU A 103 8.58 -15.92 6.39
C LEU A 103 8.22 -17.32 5.85
N ILE A 104 8.68 -17.60 4.63
CA ILE A 104 8.46 -18.87 3.95
C ILE A 104 9.06 -20.05 4.74
N GLU A 105 10.23 -19.81 5.31
CA GLU A 105 10.91 -20.82 6.13
C GLU A 105 10.21 -21.04 7.48
N ARG A 106 9.29 -20.15 7.79
CA ARG A 106 8.49 -20.24 9.00
C ARG A 106 7.07 -20.70 8.70
N GLY A 107 6.78 -21.04 7.44
CA GLY A 107 5.50 -21.71 7.13
C GLY A 107 4.45 -20.82 6.47
N HIS A 108 4.77 -19.55 6.29
CA HIS A 108 3.82 -18.66 5.67
C HIS A 108 3.85 -18.84 4.16
N ARG A 109 2.77 -18.42 3.52
CA ARG A 109 2.69 -18.23 2.09
C ARG A 109 2.61 -16.70 1.80
N VAL A 110 3.59 -16.21 1.06
CA VAL A 110 3.88 -14.79 0.96
C VAL A 110 3.61 -14.24 -0.44
N ALA A 111 2.84 -13.17 -0.49
CA ALA A 111 2.66 -12.47 -1.72
C ALA A 111 3.27 -11.07 -1.64
N VAL A 112 3.87 -10.67 -2.75
CA VAL A 112 4.46 -9.37 -2.90
C VAL A 112 3.77 -8.61 -4.04
N LEU A 113 3.22 -7.46 -3.72
CA LEU A 113 2.63 -6.58 -4.70
C LEU A 113 3.30 -5.21 -4.71
N ALA A 114 3.27 -4.58 -5.86
CA ALA A 114 3.92 -3.31 -6.03
C ALA A 114 2.89 -2.26 -6.48
N VAL A 115 2.89 -1.11 -5.84
CA VAL A 115 2.06 0.02 -6.25
C VAL A 115 2.91 1.18 -6.76
N ARG A 132 14.66 -7.96 -9.63
CA ARG A 132 14.49 -7.32 -8.33
C ARG A 132 14.71 -8.32 -7.16
N MET A 133 13.85 -9.34 -7.08
CA MET A 133 13.93 -10.38 -6.05
C MET A 133 13.70 -11.81 -6.58
N ALA A 134 14.75 -12.36 -7.21
CA ALA A 134 14.70 -13.64 -7.93
C ALA A 134 14.62 -14.91 -7.06
N ARG A 135 15.44 -14.99 -6.01
CA ARG A 135 15.47 -16.18 -5.13
C ARG A 135 14.15 -16.42 -4.36
N LEU A 136 13.42 -15.35 -4.08
CA LEU A 136 12.04 -15.46 -3.57
C LEU A 136 11.11 -16.06 -4.63
N ALA A 137 11.08 -15.47 -5.82
CA ALA A 137 10.17 -15.85 -6.91
C ALA A 137 10.21 -17.33 -7.30
N VAL A 138 11.22 -18.06 -6.83
CA VAL A 138 11.37 -19.47 -7.23
C VAL A 138 10.49 -20.37 -6.37
N HIS A 139 10.20 -19.91 -5.15
CA HIS A 139 9.55 -20.75 -4.18
C HIS A 139 8.07 -20.95 -4.46
N PRO A 140 7.56 -22.19 -4.34
CA PRO A 140 6.13 -22.43 -4.57
C PRO A 140 5.21 -21.80 -3.53
N ASN A 141 5.78 -21.25 -2.45
CA ASN A 141 4.97 -20.57 -1.46
C ASN A 141 5.03 -19.02 -1.50
N ALA A 142 5.69 -18.47 -2.53
CA ALA A 142 5.73 -17.02 -2.81
C ALA A 142 4.97 -16.70 -4.10
N TYR A 143 4.38 -15.52 -4.16
CA TYR A 143 3.80 -14.98 -5.39
C TYR A 143 4.19 -13.51 -5.56
N ILE A 144 4.87 -13.20 -6.66
CA ILE A 144 5.29 -11.84 -6.96
C ILE A 144 4.57 -11.37 -8.23
N ARG A 145 3.89 -10.22 -8.15
CA ARG A 145 3.26 -9.58 -9.30
C ARG A 145 3.60 -8.08 -9.42
N PRO A 146 4.03 -7.63 -10.62
CA PRO A 146 4.28 -6.19 -10.88
C PRO A 146 2.98 -5.39 -11.10
N SER A 147 2.99 -4.10 -10.73
CA SER A 147 1.84 -3.22 -10.97
C SER A 147 1.70 -2.84 -12.46
N THR A 152 -2.46 5.40 -13.38
CA THR A 152 -3.55 6.07 -12.71
C THR A 152 -3.65 5.54 -11.30
N LEU A 153 -3.50 6.41 -10.29
CA LEU A 153 -3.51 5.93 -8.89
C LEU A 153 -4.80 5.21 -8.47
N GLY A 154 -5.94 5.71 -8.93
CA GLY A 154 -7.24 5.13 -8.57
C GLY A 154 -7.29 3.72 -9.12
N GLY A 155 -7.04 3.61 -10.43
CA GLY A 155 -6.84 2.32 -11.10
C GLY A 155 -5.95 1.33 -10.37
N VAL A 156 -4.66 1.63 -10.19
CA VAL A 156 -3.74 0.68 -9.55
C VAL A 156 -4.11 0.34 -8.09
N THR A 157 -4.73 1.29 -7.37
CA THR A 157 -5.22 1.07 -6.02
C THR A 157 -6.33 0.01 -6.02
N ARG A 158 -7.35 0.26 -6.83
CA ARG A 158 -8.47 -0.66 -7.07
C ARG A 158 -7.95 -2.07 -7.41
N ALA A 159 -7.06 -2.15 -8.39
CA ALA A 159 -6.56 -3.43 -8.84
C ALA A 159 -5.78 -4.15 -7.75
N THR A 160 -4.90 -3.42 -7.07
CA THR A 160 -4.17 -3.96 -5.91
C THR A 160 -5.11 -4.47 -4.82
N ARG A 161 -6.04 -3.63 -4.41
CA ARG A 161 -7.00 -3.96 -3.34
C ARG A 161 -7.79 -5.21 -3.63
N GLU A 162 -8.25 -5.33 -4.86
CA GLU A 162 -9.01 -6.49 -5.31
C GLU A 162 -8.11 -7.72 -5.45
N THR A 163 -6.89 -7.54 -5.96
CA THR A 163 -5.91 -8.62 -5.93
C THR A 163 -5.66 -9.19 -4.52
N VAL A 164 -5.64 -8.36 -3.48
CA VAL A 164 -5.41 -8.86 -2.14
C VAL A 164 -6.51 -9.86 -1.72
N VAL A 165 -7.77 -9.54 -2.01
CA VAL A 165 -8.88 -10.43 -1.67
C VAL A 165 -8.65 -11.81 -2.31
N LEU A 166 -8.25 -11.81 -3.59
CA LEU A 166 -7.97 -13.05 -4.31
C LEU A 166 -6.88 -13.84 -3.62
N LEU A 167 -5.76 -13.16 -3.35
CA LEU A 167 -4.62 -13.81 -2.72
C LEU A 167 -4.94 -14.41 -1.35
N GLU A 168 -5.74 -13.71 -0.56
CA GLU A 168 -6.10 -14.22 0.76
C GLU A 168 -7.04 -15.40 0.67
N ALA A 169 -7.95 -15.33 -0.33
CA ALA A 169 -8.87 -16.45 -0.61
C ALA A 169 -8.04 -17.64 -1.06
N ALA A 170 -6.97 -17.37 -1.82
CA ALA A 170 -6.06 -18.41 -2.31
C ALA A 170 -5.08 -18.99 -1.29
N GLY A 171 -5.19 -18.57 -0.03
CA GLY A 171 -4.37 -19.17 1.05
C GLY A 171 -3.11 -18.42 1.48
N PHE A 172 -2.76 -17.33 0.79
CA PHE A 172 -1.65 -16.47 1.18
C PHE A 172 -1.99 -15.79 2.50
N ASP A 173 -1.07 -15.89 3.47
CA ASP A 173 -1.32 -15.36 4.80
C ASP A 173 -0.46 -14.14 5.14
N VAL A 174 0.45 -13.78 4.24
CA VAL A 174 1.20 -12.54 4.43
C VAL A 174 1.27 -11.81 3.11
N ILE A 175 0.79 -10.58 3.10
CA ILE A 175 0.76 -9.79 1.90
C ILE A 175 1.67 -8.59 2.07
N LEU A 176 2.70 -8.52 1.24
CA LEU A 176 3.63 -7.41 1.29
C LEU A 176 3.36 -6.50 0.09
N ILE A 177 3.09 -5.23 0.37
CA ILE A 177 2.82 -4.28 -0.68
C ILE A 177 3.82 -3.14 -0.67
N GLU A 178 4.62 -3.10 -1.71
CA GLU A 178 5.65 -2.09 -1.89
C GLU A 178 5.15 -0.86 -2.68
N THR A 179 5.45 0.34 -2.19
CA THR A 179 5.34 1.51 -3.05
C THR A 179 6.51 1.57 -3.97
N GLY A 183 3.29 8.52 -6.22
CA GLY A 183 3.14 9.98 -6.11
C GLY A 183 2.42 10.31 -4.79
N GLN A 184 1.13 9.98 -4.73
CA GLN A 184 0.32 9.98 -3.50
C GLN A 184 0.09 8.49 -3.10
N SER A 185 0.93 7.67 -3.69
CA SER A 185 0.95 6.23 -3.52
C SER A 185 1.16 5.68 -2.10
N GLU A 186 1.80 6.42 -1.21
CA GLU A 186 2.03 6.01 0.16
C GLU A 186 0.74 5.95 0.99
N VAL A 187 -0.04 7.00 0.91
CA VAL A 187 -1.32 7.10 1.58
C VAL A 187 -2.22 5.96 1.10
N ALA A 188 -2.26 5.75 -0.20
CA ALA A 188 -3.05 4.69 -0.81
C ALA A 188 -2.71 3.29 -0.23
N VAL A 189 -1.42 2.97 -0.15
CA VAL A 189 -0.96 1.72 0.46
C VAL A 189 -1.21 1.65 1.99
N ALA A 190 -0.92 2.72 2.71
CA ALA A 190 -1.25 2.81 4.14
C ALA A 190 -2.72 2.52 4.38
N ASN A 191 -3.59 2.99 3.50
CA ASN A 191 -5.01 2.75 3.63
C ASN A 191 -5.45 1.34 3.24
N MET A 192 -4.53 0.51 2.78
CA MET A 192 -4.95 -0.85 2.45
C MET A 192 -4.15 -1.94 3.17
N VAL A 193 -3.41 -1.58 4.21
CA VAL A 193 -2.58 -2.54 4.93
C VAL A 193 -2.84 -2.43 6.43
N ASP A 194 -2.41 -3.44 7.19
CA ASP A 194 -2.56 -3.42 8.65
C ASP A 194 -1.37 -2.77 9.35
N THR A 195 -0.17 -2.84 8.73
CA THR A 195 1.06 -2.32 9.31
C THR A 195 1.83 -1.64 8.22
N PHE A 196 2.04 -0.32 8.36
CA PHE A 196 2.81 0.40 7.36
C PHE A 196 4.28 0.62 7.82
N VAL A 197 5.24 0.08 7.05
CA VAL A 197 6.64 0.13 7.42
C VAL A 197 7.40 1.17 6.56
N LEU A 198 8.17 2.04 7.22
CA LEU A 198 9.00 3.03 6.54
C LEU A 198 10.49 2.72 6.72
N LEU A 199 11.18 2.51 5.60
CA LEU A 199 12.59 2.29 5.61
C LEU A 199 13.26 3.61 5.33
N THR A 200 14.32 3.90 6.07
CA THR A 200 15.01 5.15 6.00
C THR A 200 16.49 4.77 5.97
N LEU A 201 17.36 5.79 5.90
CA LEU A 201 18.81 5.61 5.76
C LEU A 201 19.43 5.67 7.13
N ALA A 202 20.44 4.84 7.39
CA ALA A 202 21.11 4.86 8.69
C ALA A 202 22.16 5.97 8.78
N ARG A 203 21.77 7.17 8.35
CA ARG A 203 22.65 8.32 8.41
C ARG A 203 22.11 9.41 9.33
N THR A 204 22.91 9.68 10.34
CA THR A 204 22.61 10.58 11.40
C THR A 204 22.37 11.94 10.73
N GLY A 205 21.26 12.59 11.07
CA GLY A 205 20.82 13.78 10.38
C GLY A 205 20.27 13.71 8.95
N ASP A 206 20.24 12.53 8.34
CA ASP A 206 19.79 12.39 6.92
C ASP A 206 18.82 11.23 6.68
N GLN A 207 18.23 10.67 7.74
CA GLN A 207 17.37 9.49 7.62
C GLN A 207 16.24 9.64 6.58
N LEU A 208 15.61 10.82 6.51
CA LEU A 208 14.39 11.02 5.69
C LEU A 208 14.65 11.75 4.39
N GLN A 209 15.92 11.86 4.03
CA GLN A 209 16.31 12.42 2.76
C GLN A 209 15.46 11.83 1.62
N GLY A 210 14.74 12.70 0.90
CA GLY A 210 14.00 12.30 -0.29
C GLY A 210 12.57 11.89 -0.01
N ILE A 211 12.21 11.83 1.27
CA ILE A 211 10.88 11.40 1.69
C ILE A 211 9.90 12.58 1.61
N LYS A 212 8.75 12.37 0.98
CA LYS A 212 7.72 13.43 0.97
C LYS A 212 7.33 13.70 2.44
N LYS A 213 7.18 14.98 2.82
CA LYS A 213 6.81 15.21 4.23
C LYS A 213 5.39 14.74 4.53
N GLY A 214 5.18 14.30 5.77
CA GLY A 214 3.94 13.65 6.11
C GLY A 214 4.09 12.14 6.12
N VAL A 215 4.99 11.59 5.29
CA VAL A 215 5.06 10.13 5.18
C VAL A 215 5.46 9.48 6.53
N LEU A 216 6.27 10.20 7.33
CA LEU A 216 6.72 9.72 8.63
C LEU A 216 5.52 9.42 9.55
N GLU A 217 4.45 10.20 9.44
CA GLU A 217 3.31 9.98 10.30
C GLU A 217 2.45 8.79 9.83
N LEU A 218 2.75 8.24 8.65
CA LEU A 218 2.02 7.07 8.20
C LEU A 218 2.57 5.80 8.81
N ALA A 219 3.85 5.81 9.20
CA ALA A 219 4.55 4.60 9.62
C ALA A 219 4.08 4.05 11.00
N ASP A 220 3.73 2.76 11.02
CA ASP A 220 3.58 2.01 12.27
C ASP A 220 4.91 1.53 12.79
N ILE A 221 5.88 1.42 11.88
CA ILE A 221 7.22 0.98 12.17
C ILE A 221 8.19 1.76 11.31
N VAL A 222 9.31 2.19 11.91
CA VAL A 222 10.35 2.88 11.16
C VAL A 222 11.64 2.07 11.24
N VAL A 223 12.26 1.87 10.08
CA VAL A 223 13.43 1.03 10.00
C VAL A 223 14.59 1.79 9.34
N VAL A 224 15.64 2.00 10.13
CA VAL A 224 16.88 2.58 9.70
C VAL A 224 17.65 1.44 8.98
N ASN A 225 17.69 1.47 7.66
CA ASN A 225 18.34 0.41 6.89
C ASN A 225 19.82 0.71 6.51
N LYS A 226 20.54 -0.34 6.12
CA LYS A 226 21.99 -0.28 5.78
C LYS A 226 22.82 0.05 7.02
N ALA A 227 22.36 -0.43 8.16
CA ALA A 227 23.14 -0.38 9.40
C ALA A 227 24.33 -1.36 9.40
N ASP A 228 25.26 -1.17 8.45
CA ASP A 228 26.46 -2.00 8.30
C ASP A 228 27.70 -1.20 7.84
N GLY A 229 28.78 -1.96 7.59
CA GLY A 229 30.07 -1.40 7.14
C GLY A 229 30.60 -0.36 8.11
N GLU A 230 30.80 0.86 7.59
CA GLU A 230 31.38 1.96 8.39
C GLU A 230 30.35 2.64 9.32
N HIS A 231 29.08 2.25 9.22
CA HIS A 231 28.02 2.90 10.00
C HIS A 231 27.27 2.05 11.02
N HIS A 232 27.96 1.16 11.74
CA HIS A 232 27.32 0.40 12.83
C HIS A 232 26.89 1.35 13.95
N LYS A 233 27.83 2.17 14.42
CA LYS A 233 27.53 3.10 15.51
C LYS A 233 26.64 4.27 15.03
N GLU A 234 26.92 4.84 13.85
CA GLU A 234 26.03 5.86 13.29
C GLU A 234 24.54 5.42 13.19
N ALA A 235 24.31 4.17 12.75
CA ALA A 235 22.97 3.59 12.68
C ALA A 235 22.23 3.70 14.01
N ARG A 236 22.93 3.48 15.11
CA ARG A 236 22.31 3.43 16.41
C ARG A 236 21.88 4.82 16.79
N LEU A 237 22.69 5.82 16.42
CA LEU A 237 22.46 7.20 16.78
C LEU A 237 21.37 7.77 15.89
N ALA A 238 21.33 7.28 14.64
CA ALA A 238 20.39 7.78 13.65
C ALA A 238 18.99 7.33 14.04
N ALA A 239 18.94 6.10 14.59
CA ALA A 239 17.73 5.49 15.09
C ALA A 239 17.24 6.27 16.32
N ARG A 240 18.16 6.59 17.23
CA ARG A 240 17.81 7.31 18.44
C ARG A 240 17.36 8.73 18.10
N GLU A 241 17.94 9.35 17.09
CA GLU A 241 17.41 10.60 16.58
C GLU A 241 15.93 10.43 16.08
N LEU A 242 15.64 9.38 15.33
CA LEU A 242 14.28 9.22 14.85
C LEU A 242 13.30 8.92 15.98
N SER A 243 13.68 8.04 16.92
CA SER A 243 12.91 7.85 18.15
C SER A 243 12.59 9.15 18.83
N ALA A 244 13.56 10.08 18.92
CA ALA A 244 13.31 11.37 19.63
C ALA A 244 12.21 12.09 18.94
N ALA A 245 12.24 12.11 17.61
CA ALA A 245 11.21 12.82 16.86
C ALA A 245 9.85 12.14 16.97
N ILE A 246 9.81 10.80 16.92
CA ILE A 246 8.55 10.04 17.05
C ILE A 246 7.91 10.27 18.43
N ARG A 247 8.77 10.41 19.42
CA ARG A 247 8.39 10.81 20.77
C ARG A 247 7.81 12.20 20.83
N LEU A 248 8.30 13.15 20.04
CA LEU A 248 7.61 14.47 19.97
C LEU A 248 6.30 14.45 19.22
N ILE A 249 6.19 13.62 18.17
CA ILE A 249 4.94 13.50 17.36
C ILE A 249 3.89 12.57 18.02
N TYR A 250 4.33 11.70 18.95
CA TYR A 250 3.37 10.83 19.68
C TYR A 250 3.62 10.97 21.19
N PRO A 251 3.59 12.20 21.71
CA PRO A 251 4.12 12.46 23.06
C PRO A 251 3.35 11.72 24.18
N ARG A 252 2.04 11.50 24.03
CA ARG A 252 1.26 10.78 25.08
C ARG A 252 0.45 9.61 24.52
N GLU A 253 0.94 9.02 23.43
CA GLU A 253 0.33 7.83 22.85
C GLU A 253 0.39 6.70 23.88
N ALA A 254 -0.71 5.98 24.08
CA ALA A 254 -0.68 4.87 25.05
C ALA A 254 -0.73 3.46 24.40
N LEU A 255 -1.34 3.35 23.21
CA LEU A 255 -1.50 2.06 22.55
C LEU A 255 -0.28 1.63 21.70
N TRP A 256 0.10 2.43 20.70
CA TRP A 256 1.23 2.08 19.85
C TRP A 256 2.03 3.29 19.39
N ARG A 257 3.20 3.47 19.99
CA ARG A 257 4.13 4.48 19.53
C ARG A 257 5.16 3.84 18.53
N PRO A 258 5.21 4.28 17.25
CA PRO A 258 6.12 3.65 16.28
C PRO A 258 7.52 3.34 16.79
N PRO A 259 7.86 2.06 16.96
CA PRO A 259 9.24 1.79 17.32
C PRO A 259 10.15 2.03 16.08
N VAL A 260 11.44 2.25 16.33
CA VAL A 260 12.42 2.51 15.31
C VAL A 260 13.46 1.40 15.42
N LEU A 261 13.66 0.64 14.36
CA LEU A 261 14.62 -0.46 14.38
C LEU A 261 15.82 -0.12 13.47
N THR A 262 16.92 -0.84 13.67
CA THR A 262 18.02 -0.81 12.73
C THR A 262 17.98 -2.15 12.00
N MET A 263 18.55 -2.15 10.80
CA MET A 263 18.52 -3.26 9.90
C MET A 263 19.70 -3.19 8.94
N SER A 264 20.12 -4.38 8.48
CA SER A 264 21.04 -4.52 7.39
C SER A 264 20.48 -5.59 6.46
N ALA A 265 19.62 -5.15 5.57
CA ALA A 265 18.82 -6.01 4.74
C ALA A 265 19.68 -6.79 3.74
N VAL A 266 20.89 -6.29 3.46
CA VAL A 266 21.83 -6.95 2.55
C VAL A 266 22.65 -8.02 3.27
N GLU A 267 22.89 -7.84 4.56
CA GLU A 267 23.53 -8.85 5.40
C GLU A 267 22.52 -9.76 6.11
N GLY A 268 21.25 -9.67 5.70
CA GLY A 268 20.16 -10.34 6.42
C GLY A 268 20.12 -10.09 7.92
N ARG A 269 20.50 -8.90 8.39
CA ARG A 269 20.41 -8.67 9.84
C ARG A 269 19.24 -7.74 10.14
N GLY A 270 18.44 -8.07 11.16
CA GLY A 270 17.32 -7.25 11.59
C GLY A 270 15.95 -7.55 10.99
N LEU A 271 15.89 -8.48 10.03
CA LEU A 271 14.59 -8.82 9.42
C LEU A 271 13.69 -9.57 10.37
N ALA A 272 14.28 -10.43 11.19
CA ALA A 272 13.51 -11.26 12.10
C ALA A 272 12.89 -10.35 13.16
N GLU A 273 13.68 -9.42 13.64
CA GLU A 273 13.24 -8.49 14.65
C GLU A 273 12.18 -7.56 14.06
N LEU A 274 12.36 -7.17 12.78
CA LEU A 274 11.33 -6.43 12.10
C LEU A 274 10.04 -7.19 12.06
N TRP A 275 10.08 -8.46 11.69
CA TRP A 275 8.86 -9.24 11.69
C TRP A 275 8.23 -9.46 13.08
N ASP A 276 9.05 -9.73 14.12
CA ASP A 276 8.62 -9.81 15.52
C ASP A 276 7.87 -8.53 15.85
N THR A 277 8.36 -7.39 15.36
CA THR A 277 7.72 -6.11 15.66
C THR A 277 6.39 -6.00 14.89
N VAL A 278 6.39 -6.51 13.66
CA VAL A 278 5.15 -6.49 12.89
C VAL A 278 4.07 -7.32 13.60
N GLU A 279 4.41 -8.54 14.03
CA GLU A 279 3.47 -9.37 14.79
C GLU A 279 3.00 -8.70 16.06
N ARG A 280 3.92 -8.11 16.80
CA ARG A 280 3.61 -7.35 18.01
C ARG A 280 2.60 -6.19 17.77
N HIS A 281 2.76 -5.51 16.66
CA HIS A 281 1.85 -4.44 16.26
C HIS A 281 0.44 -4.98 16.21
N ARG A 282 0.31 -6.12 15.59
CA ARG A 282 -0.94 -6.75 15.48
C ARG A 282 -1.52 -7.34 16.76
N GLN A 283 -0.69 -7.90 17.66
CA GLN A 283 -1.23 -8.41 18.92
C GLN A 283 -1.71 -7.19 19.72
N VAL A 284 -0.89 -6.15 19.76
CA VAL A 284 -1.33 -4.92 20.44
C VAL A 284 -2.67 -4.34 19.93
N LEU A 285 -2.82 -4.23 18.62
CA LEU A 285 -4.03 -3.67 18.04
C LEU A 285 -5.23 -4.61 18.24
N THR A 286 -5.03 -5.91 18.08
CA THR A 286 -6.06 -6.90 18.35
C THR A 286 -6.55 -6.88 19.82
N GLY A 287 -5.61 -6.86 20.77
CA GLY A 287 -5.98 -6.75 22.17
C GLY A 287 -6.86 -5.54 22.47
N ALA A 288 -6.79 -4.47 21.66
CA ALA A 288 -7.63 -3.28 21.87
C ALA A 288 -8.82 -3.18 20.91
N GLY A 289 -9.02 -4.21 20.08
CA GLY A 289 -10.14 -4.22 19.14
C GLY A 289 -9.90 -3.28 17.96
N GLU A 290 -8.69 -2.78 17.79
CA GLU A 290 -8.42 -1.81 16.72
C GLU A 290 -8.03 -2.45 15.39
N PHE A 291 -7.68 -3.72 15.41
CA PHE A 291 -7.17 -4.32 14.20
C PHE A 291 -8.31 -4.51 13.18
N ASP A 292 -9.41 -5.10 13.63
CA ASP A 292 -10.58 -5.22 12.75
C ASP A 292 -11.25 -3.88 12.49
N ALA A 293 -11.30 -3.05 13.51
CA ALA A 293 -11.82 -1.71 13.40
C ALA A 293 -11.07 -0.87 12.36
N ARG A 294 -9.78 -1.13 12.17
CA ARG A 294 -9.04 -0.33 11.21
C ARG A 294 -9.41 -0.80 9.79
N ARG A 295 -9.42 -2.13 9.59
CA ARG A 295 -9.84 -2.75 8.33
C ARG A 295 -11.25 -2.36 7.87
N ARG A 296 -12.21 -2.41 8.77
CA ARG A 296 -13.57 -2.01 8.46
C ARG A 296 -13.63 -0.53 8.07
N ASP A 297 -12.85 0.32 8.74
CA ASP A 297 -12.79 1.75 8.41
C ASP A 297 -12.14 2.03 7.06
N GLN A 298 -11.23 1.16 6.64
CA GLN A 298 -10.57 1.29 5.34
C GLN A 298 -11.52 0.92 4.22
N GLN A 299 -12.32 -0.13 4.45
CA GLN A 299 -13.27 -0.59 3.44
C GLN A 299 -14.41 0.42 3.23
N VAL A 300 -14.84 1.06 4.30
CA VAL A 300 -15.82 2.13 4.21
C VAL A 300 -15.25 3.37 3.52
N ASP A 301 -13.99 3.73 3.81
CA ASP A 301 -13.37 4.88 3.17
C ASP A 301 -13.12 4.65 1.69
N TRP A 302 -12.78 3.41 1.36
CA TRP A 302 -12.58 3.01 -0.02
C TRP A 302 -13.89 3.08 -0.78
N THR A 303 -14.99 2.63 -0.16
CA THR A 303 -16.30 2.76 -0.80
C THR A 303 -16.61 4.21 -1.21
N TRP A 304 -16.47 5.15 -0.28
CA TRP A 304 -16.73 6.56 -0.54
C TRP A 304 -15.75 7.18 -1.53
N GLN A 305 -14.58 6.60 -1.64
CA GLN A 305 -13.56 7.02 -2.55
C GLN A 305 -13.91 6.59 -3.97
N LEU A 306 -14.43 5.37 -4.11
CA LEU A 306 -14.90 4.89 -5.40
C LEU A 306 -16.06 5.71 -5.95
N VAL A 307 -16.96 6.11 -5.04
CA VAL A 307 -18.08 7.00 -5.35
C VAL A 307 -17.59 8.40 -5.79
N ARG A 308 -16.60 8.91 -5.05
CA ARG A 308 -15.90 10.18 -5.35
C ARG A 308 -15.24 10.12 -6.70
N ASP A 309 -14.47 9.05 -6.97
CA ASP A 309 -13.78 8.89 -8.25
C ASP A 309 -14.74 8.75 -9.42
N ALA A 310 -15.86 8.06 -9.23
CA ALA A 310 -16.78 7.82 -10.36
C ALA A 310 -17.43 9.12 -10.79
N VAL A 311 -17.72 9.96 -9.80
CA VAL A 311 -18.52 11.16 -10.01
C VAL A 311 -17.67 12.32 -10.48
N LEU A 312 -16.39 12.31 -10.10
CA LEU A 312 -15.46 13.35 -10.52
C LEU A 312 -14.80 13.08 -11.86
N ASP A 313 -14.56 11.82 -12.18
CA ASP A 313 -14.07 11.44 -13.51
C ASP A 313 -14.97 11.85 -14.65
N ARG A 314 -16.28 11.92 -14.41
CA ARG A 314 -17.18 12.48 -15.43
C ARG A 314 -16.71 13.89 -15.84
N VAL A 315 -16.26 14.68 -14.85
CA VAL A 315 -15.75 16.04 -15.08
C VAL A 315 -14.30 16.06 -15.59
N TRP A 316 -13.38 15.53 -14.79
CA TRP A 316 -11.96 15.52 -15.10
C TRP A 316 -11.67 14.91 -16.46
N SER A 317 -12.43 13.87 -16.80
CA SER A 317 -12.15 13.03 -17.94
C SER A 317 -12.78 13.61 -19.22
N ASN A 318 -13.68 14.57 -19.04
CA ASN A 318 -14.35 15.29 -20.14
C ASN A 318 -13.36 16.04 -21.05
N PRO A 319 -13.28 15.65 -22.35
CA PRO A 319 -12.38 16.27 -23.36
C PRO A 319 -12.49 17.81 -23.47
N THR A 320 -13.72 18.32 -23.52
CA THR A 320 -13.95 19.75 -23.56
C THR A 320 -13.44 20.42 -22.28
N VAL A 321 -13.75 19.84 -21.12
CA VAL A 321 -13.23 20.39 -19.88
C VAL A 321 -11.70 20.47 -20.00
N ARG A 322 -11.07 19.45 -20.59
CA ARG A 322 -9.61 19.36 -20.66
C ARG A 322 -8.94 20.32 -21.66
N LYS A 323 -9.68 20.78 -22.66
CA LYS A 323 -9.16 21.74 -23.63
C LYS A 323 -9.16 23.13 -23.01
N VAL A 324 -10.21 23.41 -22.25
CA VAL A 324 -10.50 24.74 -21.75
C VAL A 324 -9.78 25.01 -20.42
N ARG A 325 -9.21 23.96 -19.84
CA ARG A 325 -8.63 23.99 -18.49
C ARG A 325 -7.50 25.00 -18.29
N SER A 326 -6.52 25.00 -19.19
CA SER A 326 -5.39 25.91 -19.11
C SER A 326 -5.83 27.37 -19.05
N GLU A 327 -6.76 27.72 -19.92
CA GLU A 327 -7.20 29.10 -20.03
C GLU A 327 -7.98 29.53 -18.80
N LEU A 328 -8.90 28.70 -18.32
CA LEU A 328 -9.60 29.03 -17.06
C LEU A 328 -8.62 29.14 -15.88
N GLU A 329 -7.61 28.27 -15.83
CA GLU A 329 -6.58 28.36 -14.80
C GLU A 329 -5.73 29.63 -14.91
N ARG A 330 -5.22 29.90 -16.13
CA ARG A 330 -4.47 31.15 -16.36
C ARG A 330 -5.30 32.33 -15.85
N ARG A 331 -6.60 32.36 -16.17
CA ARG A 331 -7.48 33.43 -15.70
C ARG A 331 -7.61 33.52 -14.18
N VAL A 332 -7.70 32.35 -13.51
CA VAL A 332 -7.74 32.29 -12.04
C VAL A 332 -6.44 32.83 -11.40
N ARG A 333 -5.29 32.33 -11.88
CA ARG A 333 -3.93 32.71 -11.43
C ARG A 333 -3.64 34.18 -11.63
N ALA A 334 -4.34 34.81 -12.57
CA ALA A 334 -4.15 36.23 -12.87
C ALA A 334 -5.20 37.10 -12.18
N GLY A 335 -6.15 36.48 -11.47
CA GLY A 335 -7.20 37.24 -10.78
C GLY A 335 -8.18 37.89 -11.75
N GLU A 336 -8.20 37.39 -12.99
CA GLU A 336 -9.21 37.83 -13.97
C GLU A 336 -10.53 37.15 -13.72
N LEU A 337 -10.51 36.13 -12.86
CA LEU A 337 -11.70 35.29 -12.62
C LEU A 337 -11.67 34.71 -11.22
N THR A 338 -12.81 34.77 -10.52
CA THR A 338 -12.89 34.15 -9.21
C THR A 338 -12.88 32.62 -9.31
N PRO A 339 -12.49 31.94 -8.23
CA PRO A 339 -12.51 30.49 -8.32
C PRO A 339 -13.95 29.93 -8.37
N ALA A 340 -14.90 30.61 -7.76
CA ALA A 340 -16.29 30.13 -7.80
C ALA A 340 -16.86 30.20 -9.23
N LEU A 341 -16.54 31.29 -9.92
CA LEU A 341 -16.97 31.49 -11.31
C LEU A 341 -16.29 30.57 -12.31
N ALA A 342 -15.00 30.29 -12.13
CA ALA A 342 -14.32 29.30 -12.99
C ALA A 342 -14.86 27.90 -12.74
N ALA A 343 -15.11 27.58 -11.47
CA ALA A 343 -15.67 26.28 -11.08
C ALA A 343 -17.02 26.03 -11.77
N GLN A 344 -17.90 27.04 -11.71
CA GLN A 344 -19.18 27.06 -12.43
C GLN A 344 -19.02 26.85 -13.93
N GLN A 345 -18.11 27.59 -14.56
CA GLN A 345 -17.85 27.42 -15.98
C GLN A 345 -17.40 26.00 -16.30
N ILE A 346 -16.55 25.41 -15.46
CA ILE A 346 -16.11 24.03 -15.67
C ILE A 346 -17.31 23.06 -15.62
N LEU A 347 -18.20 23.27 -14.64
CA LEU A 347 -19.39 22.45 -14.48
C LEU A 347 -20.42 22.59 -15.64
N GLU A 348 -20.73 23.84 -16.03
CA GLU A 348 -21.61 24.12 -17.15
C GLU A 348 -21.10 23.44 -18.41
N ILE A 349 -19.80 23.57 -18.66
CA ILE A 349 -19.17 23.00 -19.84
C ILE A 349 -19.20 21.43 -19.85
N ALA A 350 -18.77 20.83 -18.73
CA ALA A 350 -18.88 19.39 -18.52
C ALA A 350 -20.31 18.93 -18.78
N ASN A 351 -21.26 19.69 -18.28
CA ASN A 351 -22.68 19.36 -18.39
C ASN A 351 -23.26 19.54 -19.81
N LEU A 352 -22.62 20.38 -20.62
CA LEU A 352 -23.06 20.59 -22.00
C LEU A 352 -22.60 19.49 -22.91
N THR A 353 -21.49 18.86 -22.57
CA THR A 353 -20.84 17.90 -23.44
C THR A 353 -20.88 16.45 -22.93
N ASP A 354 -21.68 16.17 -21.88
CA ASP A 354 -21.80 14.81 -21.33
C ASP A 354 -23.07 14.07 -21.75
PB GDP B . 15.13 -0.31 -3.57
O1B GDP B . 14.37 -1.54 -3.99
O2B GDP B . 15.19 0.72 -4.67
O3B GDP B . 14.47 0.40 -2.40
O3A GDP B . 16.56 -0.74 -3.03
PA GDP B . 17.30 -2.12 -3.43
O1A GDP B . 17.11 -2.32 -4.92
O2A GDP B . 16.92 -3.31 -2.60
O5' GDP B . 18.80 -1.73 -3.06
C5' GDP B . 19.43 -0.73 -3.87
C4' GDP B . 20.93 -0.83 -3.70
O4' GDP B . 21.23 -0.68 -2.31
C3' GDP B . 21.47 -2.20 -4.13
O3' GDP B . 22.78 -2.05 -4.70
C2' GDP B . 21.59 -2.97 -2.84
O2' GDP B . 22.60 -3.97 -2.84
C1' GDP B . 21.90 -1.85 -1.86
N9 GDP B . 21.44 -2.24 -0.52
C8 GDP B . 20.22 -2.73 -0.18
N7 GDP B . 20.15 -2.99 1.16
C5 GDP B . 21.36 -2.66 1.67
C6 GDP B . 21.98 -2.68 3.00
O6 GDP B . 21.37 -3.08 4.01
N1 GDP B . 23.26 -2.25 3.09
C2 GDP B . 23.98 -1.81 2.03
N2 GDP B . 25.24 -1.39 2.26
N3 GDP B . 23.48 -1.77 0.78
C4 GDP B . 22.20 -2.17 0.56
UNK UNX C . 5.84 0.35 20.96
UNK UNX D . 3.84 0.98 22.41
UNK UNX E . 3.79 3.22 24.19
UNK UNX F . 5.58 4.88 25.83
#